data_5V5U
#
_entry.id   5V5U
#
_cell.length_a   108.712
_cell.length_b   108.712
_cell.length_c   144.370
_cell.angle_alpha   90.000
_cell.angle_beta   90.000
_cell.angle_gamma   90.000
#
_symmetry.space_group_name_H-M   'P 43 21 2'
#
loop_
_entity.id
_entity.type
_entity.pdbx_description
1 polymer 'Conserved domain protein'
2 water water
#
_entity_poly.entity_id   1
_entity_poly.type   'polypeptide(L)'
_entity_poly.pdbx_seq_one_letter_code
;QKEYMEYRPLGEEIERIRKGKNIPLRVFDENGVSSRSYQRFVQGNSELRISDLAIIVEILSISPMEMTEKLTPMSKTVLA
KEQFNQAIFSKNFQESSRIVADYRAYYEKSSFALGKQEVMYSMLALEYLFNPQTVVTKEEIIALENQILERLINADVYTI
FNLKFLALQKNVGLQPFPTSLLFRVLQSVNEREIIDIRSLEIIEQVIIDFLFAAIVSQNVPHILHVLSMFKEYEVGENNW
RMILWKKIAEKIEMILTNEEIFADWSIFKEQILLSITLFLPKAKQEFFAGQLEKIEDSLKEIKENG
;
_entity_poly.pdbx_strand_id   B,A
#
# COMPACT_ATOMS: atom_id res chain seq x y z
N ARG A 8 -11.75 -5.43 -14.38
CA ARG A 8 -12.01 -4.20 -15.11
C ARG A 8 -10.75 -3.57 -15.72
N PRO A 9 -10.67 -3.57 -17.06
CA PRO A 9 -9.55 -3.05 -17.88
C PRO A 9 -9.26 -1.58 -17.68
N LEU A 10 -8.00 -1.25 -17.95
CA LEU A 10 -7.44 0.07 -17.79
C LEU A 10 -8.17 1.18 -18.58
N GLY A 11 -8.41 0.96 -19.88
CA GLY A 11 -9.03 1.96 -20.74
C GLY A 11 -10.35 2.45 -20.18
N GLU A 12 -11.08 1.47 -19.70
CA GLU A 12 -12.38 1.67 -19.13
C GLU A 12 -12.26 2.53 -17.88
N GLU A 13 -11.27 2.21 -17.06
CA GLU A 13 -11.09 2.86 -15.79
C GLU A 13 -10.74 4.34 -16.01
N ILE A 14 -9.83 4.59 -16.92
CA ILE A 14 -9.49 5.95 -17.27
C ILE A 14 -10.69 6.71 -17.83
N GLU A 15 -11.51 6.06 -18.66
CA GLU A 15 -12.71 6.74 -19.16
C GLU A 15 -13.62 7.12 -18.02
N ARG A 16 -13.80 6.19 -17.10
CA ARG A 16 -14.57 6.46 -15.89
C ARG A 16 -14.04 7.67 -15.09
N ILE A 17 -12.73 7.75 -14.83
CA ILE A 17 -12.22 8.94 -14.12
C ILE A 17 -12.49 10.19 -14.96
N ARG A 18 -12.25 10.11 -16.27
CA ARG A 18 -12.36 11.27 -17.15
C ARG A 18 -13.79 11.84 -17.22
N LYS A 19 -14.79 10.98 -17.38
CA LYS A 19 -16.16 11.49 -17.44
C LYS A 19 -16.60 11.88 -16.04
N GLY A 20 -16.19 11.12 -15.03
CA GLY A 20 -16.50 11.47 -13.66
C GLY A 20 -15.92 12.81 -13.22
N LYS A 21 -14.80 13.23 -13.85
CA LYS A 21 -14.21 14.52 -13.55
C LYS A 21 -14.52 15.60 -14.60
N ASN A 22 -15.46 15.30 -15.52
CA ASN A 22 -15.93 16.27 -16.51
C ASN A 22 -14.81 16.88 -17.36
N ILE A 23 -13.85 16.06 -17.77
CA ILE A 23 -12.76 16.54 -18.59
C ILE A 23 -13.07 16.15 -20.01
N PRO A 24 -13.30 17.14 -20.89
CA PRO A 24 -13.65 16.84 -22.28
C PRO A 24 -12.41 16.39 -23.06
N LEU A 25 -12.66 15.68 -24.17
CA LEU A 25 -11.62 15.07 -25.00
C LEU A 25 -10.61 16.09 -25.53
N ARG A 26 -11.08 17.32 -25.77
CA ARG A 26 -10.24 18.38 -26.32
C ARG A 26 -8.95 18.58 -25.48
N VAL A 27 -9.05 18.39 -24.16
CA VAL A 27 -7.94 18.63 -23.24
C VAL A 27 -6.79 17.67 -23.49
N PHE A 28 -7.13 16.44 -23.84
CA PHE A 28 -6.11 15.48 -24.20
C PHE A 28 -5.30 16.02 -25.39
N ASP A 29 -6.01 16.48 -26.42
CA ASP A 29 -5.35 17.05 -27.59
C ASP A 29 -4.51 18.30 -27.27
N GLU A 30 -5.00 19.13 -26.34
CA GLU A 30 -4.29 20.34 -25.93
C GLU A 30 -2.98 19.95 -25.23
N ASN A 31 -2.97 18.77 -24.61
CA ASN A 31 -1.76 18.27 -23.97
C ASN A 31 -0.94 17.36 -24.88
N GLY A 32 -1.29 17.30 -26.15
CA GLY A 32 -0.45 16.60 -27.11
C GLY A 32 -0.67 15.09 -27.11
N VAL A 33 -1.77 14.65 -26.50
CA VAL A 33 -2.14 13.24 -26.59
C VAL A 33 -3.33 13.17 -27.50
N SER A 34 -3.17 12.48 -28.62
CA SER A 34 -4.27 12.36 -29.54
C SER A 34 -5.46 11.68 -28.88
N SER A 35 -6.58 12.40 -28.89
CA SER A 35 -7.87 11.93 -28.42
C SER A 35 -8.35 10.73 -29.21
N ARG A 36 -8.01 10.69 -30.51
CA ARG A 36 -8.43 9.61 -31.40
C ARG A 36 -7.82 8.28 -30.99
N SER A 37 -6.49 8.27 -30.85
CA SER A 37 -5.72 7.12 -30.38
C SER A 37 -6.18 6.70 -28.99
N TYR A 38 -6.57 7.70 -28.18
CA TYR A 38 -7.06 7.48 -26.83
C TYR A 38 -8.42 6.78 -26.83
N GLN A 39 -9.32 7.30 -27.65
CA GLN A 39 -10.64 6.74 -27.77
C GLN A 39 -10.46 5.31 -28.17
N ARG A 40 -9.53 5.05 -29.07
CA ARG A 40 -9.29 3.66 -29.48
C ARG A 40 -8.60 2.82 -28.39
N PHE A 41 -7.83 3.48 -27.53
CA PHE A 41 -7.26 2.79 -26.38
C PHE A 41 -8.37 2.28 -25.47
N VAL A 42 -9.32 3.15 -25.12
CA VAL A 42 -10.41 2.72 -24.24
C VAL A 42 -11.27 1.70 -24.97
N GLN A 43 -11.45 1.89 -26.28
CA GLN A 43 -12.28 1.01 -27.12
C GLN A 43 -11.69 -0.37 -27.37
N GLY A 44 -10.37 -0.44 -27.49
CA GLY A 44 -9.73 -1.71 -27.77
C GLY A 44 -9.17 -1.89 -29.19
N ASN A 45 -9.20 -0.85 -30.02
CA ASN A 45 -8.68 -0.96 -31.40
C ASN A 45 -7.23 -0.47 -31.53
N SER A 46 -6.61 -0.14 -30.40
CA SER A 46 -5.22 0.33 -30.42
C SER A 46 -4.50 0.24 -29.08
N GLU A 47 -3.18 0.34 -29.11
N GLU A 47 -3.18 0.37 -29.18
CA GLU A 47 -2.48 0.38 -27.85
CA GLU A 47 -2.25 0.44 -28.08
C GLU A 47 -2.27 1.83 -27.42
C GLU A 47 -2.34 1.77 -27.33
N LEU A 48 -1.30 2.04 -26.55
CA LEU A 48 -1.06 3.35 -25.98
C LEU A 48 0.33 3.33 -25.39
N ARG A 49 1.14 4.32 -25.71
CA ARG A 49 2.46 4.35 -25.12
C ARG A 49 2.37 4.82 -23.67
N ILE A 50 3.27 4.32 -22.83
CA ILE A 50 3.27 4.69 -21.42
C ILE A 50 3.49 6.21 -21.22
N SER A 51 4.21 6.86 -22.13
CA SER A 51 4.39 8.32 -22.05
C SER A 51 3.05 9.10 -22.13
N ASP A 52 2.17 8.59 -22.99
CA ASP A 52 0.85 9.15 -23.13
C ASP A 52 0.04 8.91 -21.87
N LEU A 53 0.13 7.69 -21.33
CA LEU A 53 -0.58 7.42 -20.09
C LEU A 53 -0.10 8.39 -19.00
N ALA A 54 1.20 8.67 -18.91
CA ALA A 54 1.70 9.62 -17.90
C ALA A 54 1.07 11.01 -18.08
N ILE A 55 1.02 11.45 -19.34
CA ILE A 55 0.33 12.71 -19.56
C ILE A 55 -1.16 12.68 -19.13
N ILE A 56 -1.88 11.62 -19.48
CA ILE A 56 -3.26 11.49 -19.06
C ILE A 56 -3.42 11.49 -17.51
N VAL A 57 -2.53 10.81 -16.78
CA VAL A 57 -2.71 10.79 -15.35
C VAL A 57 -2.45 12.18 -14.76
N GLU A 58 -1.53 12.96 -15.35
CA GLU A 58 -1.38 14.34 -14.83
C GLU A 58 -2.64 15.15 -15.17
N ILE A 59 -3.19 14.94 -16.37
CA ILE A 59 -4.41 15.65 -16.78
C ILE A 59 -5.57 15.36 -15.79
N LEU A 60 -5.73 14.09 -15.43
CA LEU A 60 -6.86 13.63 -14.58
C LEU A 60 -6.50 13.64 -13.10
N SER A 61 -5.34 14.18 -12.81
CA SER A 61 -4.85 14.26 -11.44
C SER A 61 -4.97 12.93 -10.65
N ILE A 62 -4.52 11.87 -11.32
CA ILE A 62 -4.47 10.51 -10.81
C ILE A 62 -3.11 10.38 -10.16
N SER A 63 -3.05 9.71 -9.02
CA SER A 63 -1.80 9.51 -8.30
C SER A 63 -0.96 8.38 -8.87
N PRO A 64 0.35 8.46 -8.68
CA PRO A 64 1.28 7.49 -9.30
C PRO A 64 0.92 6.01 -9.00
N MET A 65 0.59 5.74 -7.74
CA MET A 65 0.20 4.44 -7.28
C MET A 65 -1.14 4.11 -7.85
N GLU A 66 -2.02 5.07 -7.82
CA GLU A 66 -3.32 4.92 -8.43
C GLU A 66 -3.10 4.47 -9.87
N MET A 67 -2.02 4.92 -10.53
CA MET A 67 -1.81 4.58 -11.95
C MET A 67 -1.20 3.18 -12.08
N THR A 68 -0.10 2.90 -11.36
CA THR A 68 0.55 1.60 -11.48
C THR A 68 -0.42 0.48 -11.08
N GLU A 69 -1.33 0.79 -10.15
CA GLU A 69 -2.30 -0.18 -9.67
C GLU A 69 -3.19 -0.70 -10.81
N LYS A 70 -3.40 0.13 -11.83
CA LYS A 70 -4.32 -0.26 -12.91
C LYS A 70 -3.59 -0.97 -14.03
N LEU A 71 -2.26 -0.90 -13.98
CA LEU A 71 -1.42 -1.49 -15.01
C LEU A 71 -1.41 -3.00 -14.90
N THR A 72 -1.97 -3.51 -13.81
CA THR A 72 -2.15 -4.94 -13.57
C THR A 72 -2.75 -5.61 -14.81
N PRO A 73 -1.94 -6.38 -15.56
CA PRO A 73 -2.42 -7.05 -16.79
C PRO A 73 -3.57 -8.03 -16.60
N MET A 74 -4.25 -8.40 -17.69
CA MET A 74 -5.25 -9.45 -17.64
C MET A 74 -5.08 -10.52 -18.72
N SER A 75 -4.11 -11.39 -18.56
CA SER A 75 -3.95 -12.49 -19.49
C SER A 75 -4.85 -13.67 -19.17
N LYS A 76 -4.73 -14.67 -20.02
CA LYS A 76 -5.32 -15.98 -19.89
C LYS A 76 -4.94 -16.60 -18.53
N THR A 77 -3.67 -16.42 -18.16
CA THR A 77 -3.17 -16.87 -16.91
C THR A 77 -3.80 -16.15 -15.73
N VAL A 78 -3.79 -14.82 -15.76
CA VAL A 78 -4.39 -14.03 -14.70
C VAL A 78 -5.89 -14.40 -14.48
N LEU A 79 -6.59 -14.56 -15.59
CA LEU A 79 -8.00 -14.88 -15.58
C LEU A 79 -8.23 -16.27 -14.98
N ALA A 80 -7.51 -17.26 -15.50
CA ALA A 80 -7.64 -18.62 -15.02
C ALA A 80 -7.31 -18.65 -13.51
N LYS A 81 -6.30 -17.91 -13.10
CA LYS A 81 -5.94 -17.95 -11.72
C LYS A 81 -7.00 -17.28 -10.82
N GLU A 82 -7.63 -16.20 -11.25
CA GLU A 82 -8.70 -15.67 -10.39
C GLU A 82 -9.93 -16.60 -10.36
N GLN A 83 -10.23 -17.25 -11.48
CA GLN A 83 -11.29 -18.23 -11.44
C GLN A 83 -10.93 -19.34 -10.46
N PHE A 84 -9.71 -19.79 -10.54
CA PHE A 84 -9.26 -20.88 -9.66
C PHE A 84 -9.38 -20.46 -8.19
N ASN A 85 -8.90 -19.27 -7.84
CA ASN A 85 -8.98 -18.86 -6.43
C ASN A 85 -10.42 -18.78 -5.95
N GLN A 86 -11.30 -18.26 -6.82
CA GLN A 86 -12.66 -18.15 -6.38
C GLN A 86 -13.30 -19.54 -6.22
N ALA A 87 -12.89 -20.48 -7.06
CA ALA A 87 -13.34 -21.85 -6.94
C ALA A 87 -12.88 -22.47 -5.61
N ILE A 88 -11.58 -22.44 -5.29
CA ILE A 88 -11.18 -23.10 -4.04
C ILE A 88 -11.73 -22.39 -2.77
N PHE A 89 -11.80 -21.06 -2.79
CA PHE A 89 -12.24 -20.36 -1.58
C PHE A 89 -13.74 -20.48 -1.35
N SER A 90 -14.51 -20.78 -2.40
CA SER A 90 -15.91 -21.05 -2.24
C SER A 90 -16.19 -22.56 -2.11
N LYS A 91 -15.14 -23.35 -1.87
CA LYS A 91 -15.21 -24.80 -1.70
C LYS A 91 -15.83 -25.46 -2.94
N ASN A 92 -15.65 -24.87 -4.10
CA ASN A 92 -16.17 -25.50 -5.32
C ASN A 92 -15.07 -26.29 -6.01
N PHE A 93 -14.92 -27.54 -5.61
CA PHE A 93 -13.75 -28.32 -5.97
C PHE A 93 -13.83 -29.00 -7.33
N GLN A 94 -15.03 -29.10 -7.88
CA GLN A 94 -15.15 -29.62 -9.23
C GLN A 94 -14.59 -28.59 -10.20
N GLU A 95 -14.98 -27.34 -9.98
CA GLU A 95 -14.47 -26.22 -10.77
C GLU A 95 -12.98 -26.09 -10.58
N SER A 96 -12.50 -26.03 -9.33
CA SER A 96 -11.06 -25.92 -9.08
C SER A 96 -10.25 -27.06 -9.77
N SER A 97 -10.74 -28.31 -9.69
CA SER A 97 -10.06 -29.43 -10.37
C SER A 97 -10.02 -29.25 -11.88
N ARG A 98 -11.14 -28.79 -12.42
CA ARG A 98 -11.19 -28.69 -13.87
C ARG A 98 -10.29 -27.57 -14.35
N ILE A 99 -10.29 -26.46 -13.60
CA ILE A 99 -9.41 -25.33 -13.92
C ILE A 99 -7.92 -25.74 -13.83
N VAL A 100 -7.49 -26.49 -12.81
CA VAL A 100 -6.08 -26.89 -12.80
C VAL A 100 -5.78 -27.79 -14.00
N ALA A 101 -6.67 -28.76 -14.31
CA ALA A 101 -6.33 -29.65 -15.44
C ALA A 101 -6.20 -28.85 -16.78
N ASP A 102 -7.15 -27.93 -17.02
CA ASP A 102 -7.10 -27.12 -18.21
C ASP A 102 -5.83 -26.27 -18.25
N TYR A 103 -5.56 -25.63 -17.11
CA TYR A 103 -4.42 -24.75 -17.06
C TYR A 103 -3.13 -25.52 -17.24
N ARG A 104 -3.06 -26.77 -16.75
CA ARG A 104 -1.85 -27.55 -16.90
C ARG A 104 -1.58 -27.80 -18.37
N ALA A 105 -2.64 -28.19 -19.09
CA ALA A 105 -2.46 -28.41 -20.54
C ALA A 105 -1.98 -27.12 -21.28
N TYR A 106 -2.66 -26.01 -20.98
CA TYR A 106 -2.24 -24.73 -21.57
C TYR A 106 -0.79 -24.36 -21.21
N TYR A 107 -0.41 -24.66 -19.98
CA TYR A 107 0.90 -24.32 -19.45
C TYR A 107 1.96 -25.12 -20.18
N GLU A 108 1.71 -26.40 -20.42
CA GLU A 108 2.72 -27.23 -21.06
C GLU A 108 2.81 -26.96 -22.55
N LYS A 109 1.73 -26.54 -23.21
CA LYS A 109 1.88 -26.22 -24.64
C LYS A 109 2.35 -24.76 -24.98
N SER A 110 2.10 -23.78 -24.12
CA SER A 110 2.38 -22.37 -24.44
C SER A 110 3.80 -21.92 -24.06
N SER A 111 4.12 -20.66 -24.33
CA SER A 111 5.46 -20.14 -24.04
C SER A 111 5.81 -19.99 -22.57
N PHE A 112 7.11 -20.10 -22.33
CA PHE A 112 7.63 -20.05 -21.01
C PHE A 112 7.44 -18.63 -20.41
N ALA A 113 6.96 -18.53 -19.17
CA ALA A 113 7.00 -17.25 -18.43
C ALA A 113 7.08 -17.58 -16.94
N LEU A 114 7.89 -16.86 -16.19
CA LEU A 114 7.98 -17.06 -14.76
C LEU A 114 6.61 -16.87 -14.06
N GLY A 115 5.84 -15.89 -14.52
CA GLY A 115 4.52 -15.66 -13.95
C GLY A 115 3.63 -16.89 -14.16
N LYS A 116 3.77 -17.53 -15.32
CA LYS A 116 2.99 -18.74 -15.59
C LYS A 116 3.45 -19.85 -14.67
N GLN A 117 4.77 -20.01 -14.53
CA GLN A 117 5.32 -21.05 -13.68
C GLN A 117 4.81 -20.91 -12.22
N GLU A 118 4.77 -19.68 -11.75
CA GLU A 118 4.39 -19.45 -10.35
C GLU A 118 2.89 -19.65 -10.21
N VAL A 119 2.14 -19.29 -11.24
CA VAL A 119 0.73 -19.62 -11.14
C VAL A 119 0.47 -21.15 -11.18
N MET A 120 1.22 -21.89 -12.00
CA MET A 120 1.05 -23.34 -12.05
C MET A 120 1.31 -23.95 -10.67
N TYR A 121 2.44 -23.55 -10.09
CA TYR A 121 2.79 -24.06 -8.76
C TYR A 121 1.71 -23.75 -7.74
N SER A 122 1.26 -22.52 -7.79
CA SER A 122 0.23 -22.10 -6.88
C SER A 122 -1.09 -22.89 -6.98
N MET A 123 -1.52 -23.19 -8.21
CA MET A 123 -2.72 -24.01 -8.38
C MET A 123 -2.48 -25.42 -7.81
N LEU A 124 -1.31 -26.02 -8.13
CA LEU A 124 -1.05 -27.36 -7.64
C LEU A 124 -1.09 -27.36 -6.11
N ALA A 125 -0.47 -26.33 -5.52
CA ALA A 125 -0.27 -26.28 -4.08
C ALA A 125 -1.62 -26.13 -3.38
N LEU A 126 -2.45 -25.23 -3.89
CA LEU A 126 -3.72 -24.94 -3.23
C LEU A 126 -4.72 -26.08 -3.42
N GLU A 127 -4.64 -26.73 -4.57
CA GLU A 127 -5.49 -27.87 -4.85
C GLU A 127 -5.13 -28.97 -3.85
N TYR A 128 -3.83 -29.14 -3.68
CA TYR A 128 -3.31 -30.14 -2.77
C TYR A 128 -3.68 -29.84 -1.30
N LEU A 129 -3.57 -28.59 -0.91
CA LEU A 129 -3.86 -28.23 0.47
C LEU A 129 -5.36 -28.18 0.79
N PHE A 130 -6.23 -27.87 -0.17
CA PHE A 130 -7.62 -27.61 0.22
C PHE A 130 -8.68 -28.48 -0.38
N ASN A 131 -8.36 -29.21 -1.44
CA ASN A 131 -9.35 -30.08 -2.06
C ASN A 131 -9.16 -31.50 -1.52
N PRO A 132 -10.06 -31.92 -0.61
CA PRO A 132 -10.01 -33.30 -0.08
C PRO A 132 -10.04 -34.35 -1.16
N GLN A 133 -10.42 -34.04 -2.40
CA GLN A 133 -10.39 -35.08 -3.42
C GLN A 133 -9.62 -34.68 -4.66
N THR A 134 -8.54 -33.94 -4.44
CA THR A 134 -7.66 -33.51 -5.52
C THR A 134 -7.01 -34.73 -6.17
N VAL A 135 -6.66 -34.59 -7.45
CA VAL A 135 -5.92 -35.64 -8.11
C VAL A 135 -4.47 -35.16 -8.26
N VAL A 136 -4.19 -33.95 -7.82
CA VAL A 136 -2.80 -33.46 -7.87
C VAL A 136 -1.86 -34.31 -6.97
N THR A 137 -0.70 -34.72 -7.47
CA THR A 137 0.21 -35.54 -6.66
C THR A 137 1.36 -34.76 -6.00
N LYS A 138 1.90 -35.34 -4.93
CA LYS A 138 3.09 -34.79 -4.29
C LYS A 138 4.25 -34.75 -5.29
N GLU A 139 4.39 -35.79 -6.10
CA GLU A 139 5.47 -35.85 -7.10
C GLU A 139 5.47 -34.68 -8.06
N GLU A 140 4.30 -34.33 -8.57
CA GLU A 140 4.19 -33.23 -9.52
C GLU A 140 4.62 -31.92 -8.83
N ILE A 141 4.07 -31.74 -7.64
CA ILE A 141 4.36 -30.59 -6.85
C ILE A 141 5.84 -30.45 -6.64
N ILE A 142 6.48 -31.53 -6.20
CA ILE A 142 7.90 -31.49 -5.93
C ILE A 142 8.72 -31.23 -7.22
N ALA A 143 8.43 -31.89 -8.34
CA ALA A 143 9.14 -31.60 -9.59
C ALA A 143 9.10 -30.09 -9.91
N LEU A 144 7.91 -29.51 -9.80
CA LEU A 144 7.78 -28.11 -10.20
C LEU A 144 8.51 -27.21 -9.18
N GLU A 145 8.26 -27.48 -7.90
CA GLU A 145 8.94 -26.85 -6.77
C GLU A 145 10.45 -26.82 -6.97
N ASN A 146 11.02 -27.94 -7.40
CA ASN A 146 12.45 -28.00 -7.61
C ASN A 146 12.88 -27.17 -8.79
N GLN A 147 12.02 -27.03 -9.82
CA GLN A 147 12.38 -26.09 -10.88
C GLN A 147 12.46 -24.65 -10.37
N ILE A 148 11.44 -24.26 -9.61
CA ILE A 148 11.41 -22.89 -9.13
C ILE A 148 12.52 -22.58 -8.10
N LEU A 149 12.77 -23.53 -7.20
CA LEU A 149 13.87 -23.40 -6.24
C LEU A 149 15.19 -23.29 -6.99
N GLU A 150 15.38 -24.08 -8.04
CA GLU A 150 16.64 -23.98 -8.72
C GLU A 150 16.81 -22.58 -9.40
N ARG A 151 15.72 -22.07 -9.97
CA ARG A 151 15.81 -20.73 -10.55
C ARG A 151 16.17 -19.74 -9.45
N LEU A 152 15.62 -19.96 -8.24
CA LEU A 152 15.89 -19.02 -7.14
C LEU A 152 17.35 -19.07 -6.74
N ILE A 153 17.87 -20.29 -6.59
CA ILE A 153 19.26 -20.48 -6.25
C ILE A 153 20.18 -19.73 -7.20
N ASN A 154 19.87 -19.83 -8.50
CA ASN A 154 20.75 -19.20 -9.50
C ASN A 154 20.49 -17.74 -9.77
N ALA A 155 19.40 -17.21 -9.24
CA ALA A 155 19.08 -15.79 -9.43
C ALA A 155 19.94 -14.93 -8.51
N ASP A 156 20.06 -13.67 -8.86
CA ASP A 156 20.62 -12.72 -7.92
C ASP A 156 19.68 -11.51 -7.71
N VAL A 157 18.50 -11.51 -8.35
CA VAL A 157 17.50 -10.49 -8.07
C VAL A 157 16.20 -11.19 -7.71
N TYR A 158 15.52 -10.66 -6.69
CA TYR A 158 14.27 -11.24 -6.27
C TYR A 158 13.19 -10.18 -6.18
N THR A 159 11.96 -10.63 -6.32
CA THR A 159 10.80 -9.75 -6.25
C THR A 159 9.78 -10.41 -5.29
N ILE A 160 8.74 -9.69 -4.94
CA ILE A 160 7.82 -10.09 -3.89
C ILE A 160 7.12 -11.45 -4.18
N PHE A 161 6.89 -11.77 -5.46
CA PHE A 161 6.30 -13.05 -5.79
C PHE A 161 7.24 -14.18 -5.48
N ASN A 162 8.55 -13.95 -5.39
CA ASN A 162 9.44 -15.04 -4.98
C ASN A 162 9.20 -15.34 -3.50
N LEU A 163 8.98 -14.29 -2.73
CA LEU A 163 8.66 -14.43 -1.32
C LEU A 163 7.27 -15.13 -1.11
N LYS A 164 6.27 -14.76 -1.94
CA LYS A 164 5.00 -15.49 -1.95
C LYS A 164 5.25 -16.94 -2.18
N PHE A 165 6.09 -17.23 -3.18
CA PHE A 165 6.36 -18.64 -3.48
C PHE A 165 6.94 -19.34 -2.21
N LEU A 166 7.92 -18.72 -1.54
CA LEU A 166 8.53 -19.37 -0.37
C LEU A 166 7.50 -19.58 0.79
N ALA A 167 6.60 -18.61 1.01
CA ALA A 167 5.57 -18.83 2.04
C ALA A 167 4.63 -20.01 1.65
N LEU A 168 4.27 -20.09 0.37
CA LEU A 168 3.44 -21.21 -0.04
C LEU A 168 4.21 -22.56 0.09
N GLN A 169 5.47 -22.60 -0.32
CA GLN A 169 6.30 -23.79 -0.28
C GLN A 169 6.38 -24.29 1.16
N LYS A 170 6.48 -23.33 2.09
CA LYS A 170 6.58 -23.70 3.48
C LYS A 170 5.24 -24.29 3.98
N ASN A 171 4.10 -23.66 3.61
CA ASN A 171 2.81 -24.27 3.94
C ASN A 171 2.58 -25.65 3.34
N VAL A 172 3.02 -25.87 2.12
CA VAL A 172 2.87 -27.17 1.45
C VAL A 172 3.64 -28.24 2.22
N GLY A 173 4.85 -27.91 2.68
CA GLY A 173 5.64 -28.76 3.56
C GLY A 173 6.14 -30.10 3.01
N LEU A 174 6.41 -30.17 1.71
CA LEU A 174 6.81 -31.47 1.14
C LEU A 174 8.32 -31.66 1.12
N GLN A 175 9.02 -30.52 1.20
CA GLN A 175 10.48 -30.51 1.23
C GLN A 175 10.98 -29.48 2.25
N PRO A 176 12.20 -29.68 2.77
CA PRO A 176 12.74 -28.69 3.70
C PRO A 176 12.78 -27.29 3.12
N PHE A 177 12.63 -26.34 4.03
CA PHE A 177 12.60 -24.93 3.73
C PHE A 177 14.02 -24.38 3.59
N PRO A 178 14.32 -23.73 2.46
CA PRO A 178 15.68 -23.23 2.19
C PRO A 178 16.06 -21.91 2.96
N THR A 179 16.61 -22.00 4.16
CA THR A 179 16.81 -20.83 5.05
C THR A 179 17.68 -19.68 4.53
N SER A 180 18.86 -20.02 4.06
CA SER A 180 19.81 -19.03 3.53
C SER A 180 19.17 -18.30 2.33
N LEU A 181 18.43 -19.08 1.55
CA LEU A 181 17.69 -18.52 0.42
C LEU A 181 16.65 -17.47 0.88
N LEU A 182 15.91 -17.77 1.95
CA LEU A 182 14.96 -16.81 2.50
C LEU A 182 15.71 -15.49 2.85
N PHE A 183 16.89 -15.61 3.48
CA PHE A 183 17.67 -14.37 3.73
C PHE A 183 17.98 -13.57 2.47
N ARG A 184 18.40 -14.29 1.44
CA ARG A 184 18.72 -13.62 0.18
C ARG A 184 17.49 -12.88 -0.41
N VAL A 185 16.35 -13.55 -0.39
CA VAL A 185 15.12 -13.00 -0.97
C VAL A 185 14.68 -11.75 -0.18
N LEU A 186 14.69 -11.86 1.15
CA LEU A 186 14.34 -10.73 2.02
C LEU A 186 15.23 -9.54 1.72
N GLN A 187 16.54 -9.77 1.69
CA GLN A 187 17.48 -8.68 1.42
C GLN A 187 17.23 -7.98 0.07
N SER A 188 17.04 -8.79 -0.97
CA SER A 188 16.82 -8.22 -2.30
C SER A 188 15.50 -7.40 -2.35
N VAL A 189 14.41 -8.00 -1.90
CA VAL A 189 13.10 -7.36 -1.90
C VAL A 189 13.08 -6.05 -1.05
N ASN A 190 13.83 -6.08 0.05
CA ASN A 190 13.84 -4.94 0.96
C ASN A 190 14.86 -3.90 0.63
N GLU A 191 15.64 -4.08 -0.43
CA GLU A 191 16.47 -2.92 -0.80
C GLU A 191 15.64 -1.67 -1.23
N ARG A 192 14.38 -1.82 -1.58
CA ARG A 192 13.55 -0.62 -1.77
C ARG A 192 12.44 -0.49 -0.71
N GLU A 193 11.86 0.71 -0.62
CA GLU A 193 10.73 0.91 0.29
C GLU A 193 9.46 0.26 -0.29
N ILE A 194 8.86 -0.62 0.50
CA ILE A 194 7.67 -1.31 0.13
C ILE A 194 6.43 -0.50 0.44
N ILE A 195 5.62 -0.29 -0.59
CA ILE A 195 4.56 0.67 -0.56
C ILE A 195 3.16 0.02 -0.74
N ASP A 196 3.17 -1.27 -1.10
CA ASP A 196 1.97 -2.02 -1.44
C ASP A 196 1.57 -2.81 -0.19
N ILE A 197 0.34 -2.63 0.31
CA ILE A 197 -0.03 -3.26 1.60
C ILE A 197 -0.10 -4.78 1.51
N ARG A 198 -0.34 -5.33 0.33
CA ARG A 198 -0.37 -6.78 0.15
C ARG A 198 1.06 -7.37 0.26
N SER A 199 2.05 -6.67 -0.29
CA SER A 199 3.45 -7.11 -0.11
C SER A 199 3.82 -7.00 1.35
N LEU A 200 3.40 -5.92 2.00
CA LEU A 200 3.76 -5.74 3.40
C LEU A 200 3.16 -6.89 4.20
N GLU A 201 1.96 -7.30 3.85
CA GLU A 201 1.32 -8.37 4.58
C GLU A 201 2.14 -9.64 4.47
N ILE A 202 2.51 -9.96 3.22
CA ILE A 202 3.36 -11.13 3.00
C ILE A 202 4.72 -11.09 3.75
N ILE A 203 5.45 -9.99 3.60
CA ILE A 203 6.75 -9.82 4.24
C ILE A 203 6.63 -9.94 5.78
N GLU A 204 5.62 -9.27 6.34
CA GLU A 204 5.45 -9.20 7.79
C GLU A 204 5.22 -10.59 8.33
N GLN A 205 4.33 -11.33 7.66
CA GLN A 205 4.03 -12.66 8.11
C GLN A 205 5.25 -13.59 8.00
N VAL A 206 5.97 -13.49 6.88
CA VAL A 206 7.17 -14.33 6.71
C VAL A 206 8.22 -14.08 7.80
N ILE A 207 8.49 -12.81 8.10
CA ILE A 207 9.49 -12.52 9.11
C ILE A 207 9.03 -12.91 10.49
N ILE A 208 7.80 -12.62 10.85
CA ILE A 208 7.32 -13.13 12.16
C ILE A 208 7.47 -14.67 12.33
N ASP A 209 7.02 -15.42 11.33
CA ASP A 209 7.13 -16.88 11.34
C ASP A 209 8.60 -17.31 11.41
N PHE A 210 9.45 -16.61 10.66
CA PHE A 210 10.87 -16.88 10.56
C PHE A 210 11.54 -16.72 11.92
N LEU A 211 11.22 -15.61 12.60
CA LEU A 211 11.72 -15.35 13.96
C LEU A 211 11.23 -16.44 14.95
N PHE A 212 9.94 -16.78 14.85
CA PHE A 212 9.37 -17.82 15.73
C PHE A 212 10.06 -19.17 15.57
N ALA A 213 10.18 -19.61 14.31
CA ALA A 213 10.87 -20.88 13.98
C ALA A 213 12.33 -20.82 14.44
N ALA A 214 12.99 -19.66 14.27
CA ALA A 214 14.37 -19.55 14.73
C ALA A 214 14.48 -19.76 16.27
N ILE A 215 13.67 -19.05 17.05
CA ILE A 215 13.66 -19.25 18.52
C ILE A 215 13.44 -20.71 18.82
N VAL A 216 12.46 -21.31 18.15
CA VAL A 216 12.14 -22.70 18.47
C VAL A 216 13.35 -23.63 18.16
N SER A 217 14.17 -23.28 17.16
CA SER A 217 15.33 -24.13 16.88
C SER A 217 16.45 -24.07 17.96
N GLN A 218 16.45 -23.00 18.77
CA GLN A 218 17.48 -22.78 19.79
C GLN A 218 18.88 -22.67 19.19
N ASN A 219 18.99 -22.53 17.89
CA ASN A 219 20.29 -22.30 17.27
C ASN A 219 20.64 -20.80 17.42
N VAL A 220 21.46 -20.46 18.41
CA VAL A 220 21.68 -19.08 18.82
C VAL A 220 22.37 -18.24 17.71
N PRO A 221 23.39 -18.79 17.01
CA PRO A 221 23.95 -17.98 15.89
C PRO A 221 22.90 -17.63 14.84
N HIS A 222 21.99 -18.57 14.56
CA HIS A 222 20.92 -18.31 13.60
C HIS A 222 19.86 -17.33 14.13
N ILE A 223 19.54 -17.44 15.42
CA ILE A 223 18.61 -16.51 16.04
C ILE A 223 19.18 -15.07 15.98
N LEU A 224 20.46 -14.94 16.29
CA LEU A 224 21.07 -13.63 16.18
C LEU A 224 21.03 -13.11 14.75
N HIS A 225 21.28 -13.99 13.78
CA HIS A 225 21.23 -13.53 12.38
C HIS A 225 19.81 -13.01 12.05
N VAL A 226 18.78 -13.79 12.42
CA VAL A 226 17.40 -13.39 12.13
C VAL A 226 17.09 -12.06 12.84
N LEU A 227 17.52 -11.96 14.11
CA LEU A 227 17.35 -10.74 14.91
C LEU A 227 17.99 -9.55 14.24
N SER A 228 19.17 -9.72 13.64
CA SER A 228 19.80 -8.55 13.00
C SER A 228 19.00 -8.14 11.75
N MET A 229 18.51 -9.12 10.98
CA MET A 229 17.65 -8.78 9.80
C MET A 229 16.41 -8.00 10.27
N PHE A 230 15.88 -8.41 11.40
CA PHE A 230 14.67 -7.85 11.95
C PHE A 230 14.93 -6.42 12.42
N LYS A 231 16.08 -6.18 13.05
CA LYS A 231 16.38 -4.83 13.50
C LYS A 231 16.64 -3.93 12.27
N GLU A 232 17.15 -4.47 11.15
CA GLU A 232 17.24 -3.64 9.92
C GLU A 232 15.89 -3.33 9.18
N TYR A 233 14.84 -4.09 9.48
CA TYR A 233 13.57 -4.00 8.75
C TYR A 233 12.79 -2.76 9.21
N GLU A 234 12.47 -1.89 8.27
CA GLU A 234 11.84 -0.64 8.68
C GLU A 234 10.30 -0.72 8.71
N VAL A 235 9.71 -0.21 9.78
CA VAL A 235 8.27 -0.23 9.90
C VAL A 235 7.81 1.18 10.18
N GLY A 236 6.74 1.61 9.55
CA GLY A 236 6.18 2.93 9.84
C GLY A 236 5.67 3.04 11.27
N GLU A 237 5.71 4.26 11.84
CA GLU A 237 5.29 4.51 13.22
C GLU A 237 3.83 4.10 13.46
N ASN A 238 3.00 4.12 12.43
CA ASN A 238 1.60 3.76 12.62
C ASN A 238 1.36 2.25 12.48
N ASN A 239 2.42 1.47 12.18
CA ASN A 239 2.27 0.02 12.09
C ASN A 239 2.54 -0.63 13.46
N TRP A 240 1.59 -0.44 14.37
CA TRP A 240 1.78 -0.78 15.78
C TRP A 240 2.11 -2.25 16.06
N ARG A 241 1.53 -3.12 15.26
CA ARG A 241 1.77 -4.56 15.38
C ARG A 241 3.24 -4.94 15.10
N MET A 242 3.80 -4.38 14.02
CA MET A 242 5.19 -4.61 13.71
C MET A 242 6.11 -3.85 14.69
N ILE A 243 5.69 -2.67 15.17
CA ILE A 243 6.43 -2.01 16.24
C ILE A 243 6.55 -2.98 17.44
N LEU A 244 5.47 -3.67 17.74
CA LEU A 244 5.48 -4.59 18.86
C LEU A 244 6.39 -5.80 18.59
N TRP A 245 6.33 -6.35 17.38
CA TRP A 245 7.19 -7.49 17.11
C TRP A 245 8.67 -7.06 17.14
N LYS A 246 8.95 -5.81 16.80
CA LYS A 246 10.32 -5.31 16.91
C LYS A 246 10.70 -5.23 18.37
N LYS A 247 9.77 -4.83 19.23
CA LYS A 247 10.11 -4.82 20.64
C LYS A 247 10.28 -6.24 21.20
N ILE A 248 9.54 -7.21 20.67
CA ILE A 248 9.64 -8.58 21.15
C ILE A 248 11.01 -9.16 20.79
N ALA A 249 11.42 -8.90 19.55
CA ALA A 249 12.71 -9.32 19.05
C ALA A 249 13.85 -8.66 19.86
N GLU A 250 13.71 -7.38 20.15
CA GLU A 250 14.72 -6.72 20.96
C GLU A 250 14.79 -7.31 22.38
N LYS A 251 13.66 -7.70 22.95
CA LYS A 251 13.68 -8.25 24.33
C LYS A 251 14.37 -9.63 24.32
N ILE A 252 14.09 -10.38 23.26
CA ILE A 252 14.72 -11.68 23.09
C ILE A 252 16.24 -11.50 22.97
N GLU A 253 16.66 -10.48 22.22
CA GLU A 253 18.07 -10.20 22.06
C GLU A 253 18.71 -9.83 23.40
N MET A 254 18.02 -9.02 24.19
CA MET A 254 18.56 -8.67 25.50
C MET A 254 18.68 -9.85 26.48
N ILE A 255 17.73 -10.79 26.42
CA ILE A 255 17.89 -11.97 27.28
C ILE A 255 18.98 -12.91 26.76
N LEU A 256 19.05 -13.11 25.45
CA LEU A 256 20.09 -14.01 24.92
C LEU A 256 21.48 -13.51 25.25
N THR A 257 21.63 -12.20 25.35
CA THR A 257 22.95 -11.65 25.57
C THR A 257 23.16 -11.17 27.02
N ASN A 258 22.30 -11.61 27.93
CA ASN A 258 22.52 -11.36 29.35
C ASN A 258 22.49 -9.88 29.73
N GLU A 259 21.84 -9.08 28.92
CA GLU A 259 21.64 -7.68 29.21
C GLU A 259 20.38 -7.54 30.09
N GLU A 260 19.51 -8.54 30.03
CA GLU A 260 18.30 -8.60 30.86
C GLU A 260 18.05 -10.04 31.34
N ILE A 261 17.15 -10.18 32.31
CA ILE A 261 16.85 -11.47 32.96
C ILE A 261 15.40 -11.85 32.75
N PHE A 262 15.00 -13.02 33.21
CA PHE A 262 13.65 -13.49 32.89
C PHE A 262 12.55 -12.65 33.53
N ALA A 263 12.84 -12.07 34.69
CA ALA A 263 11.90 -11.16 35.32
C ALA A 263 11.46 -10.03 34.36
N ASP A 264 12.42 -9.47 33.63
CA ASP A 264 12.16 -8.39 32.66
C ASP A 264 11.24 -8.82 31.51
N TRP A 265 11.51 -10.05 31.06
CA TRP A 265 10.70 -10.67 30.03
C TRP A 265 9.28 -10.84 30.55
N SER A 266 9.11 -11.31 31.78
CA SER A 266 7.77 -11.54 32.32
C SER A 266 7.00 -10.23 32.44
N ILE A 267 7.64 -9.21 32.98
CA ILE A 267 7.00 -7.88 33.02
C ILE A 267 6.50 -7.43 31.60
N PHE A 268 7.40 -7.58 30.64
CA PHE A 268 7.08 -7.25 29.24
C PHE A 268 5.86 -8.05 28.70
N LYS A 269 5.92 -9.36 28.93
CA LYS A 269 4.96 -10.30 28.41
C LYS A 269 3.58 -10.06 28.99
N GLU A 270 3.54 -9.76 30.29
CA GLU A 270 2.28 -9.46 30.96
C GLU A 270 1.68 -8.16 30.42
N GLN A 271 2.55 -7.17 30.20
CA GLN A 271 2.02 -5.95 29.60
C GLN A 271 1.36 -6.25 28.23
N ILE A 272 2.08 -7.00 27.39
CA ILE A 272 1.51 -7.37 26.07
C ILE A 272 0.17 -8.09 26.18
N LEU A 273 0.14 -9.12 27.04
CA LEU A 273 -1.02 -9.94 27.17
C LEU A 273 -2.21 -9.09 27.58
N LEU A 274 -1.95 -8.05 28.38
CA LEU A 274 -3.07 -7.16 28.76
C LEU A 274 -3.43 -6.22 27.60
N SER A 275 -2.48 -5.89 26.75
CA SER A 275 -2.81 -4.98 25.66
C SER A 275 -3.56 -5.60 24.47
N ILE A 276 -3.19 -6.82 24.08
CA ILE A 276 -3.78 -7.37 22.85
C ILE A 276 -5.30 -7.55 22.91
N THR A 277 -5.91 -7.32 24.07
CA THR A 277 -7.38 -7.29 24.18
C THR A 277 -8.01 -6.25 23.26
N LEU A 278 -7.31 -5.14 23.12
CA LEU A 278 -7.77 -4.03 22.31
C LEU A 278 -7.74 -4.32 20.82
N PHE A 279 -6.84 -5.19 20.38
CA PHE A 279 -6.63 -5.29 18.95
C PHE A 279 -7.09 -6.62 18.34
N LEU A 280 -7.16 -7.67 19.14
CA LEU A 280 -7.36 -9.01 18.57
C LEU A 280 -8.65 -9.64 19.06
N PRO A 281 -9.33 -10.39 18.18
CA PRO A 281 -10.40 -11.33 18.57
C PRO A 281 -9.82 -12.36 19.51
N LYS A 282 -10.63 -13.00 20.35
CA LYS A 282 -10.02 -13.76 21.44
C LYS A 282 -9.33 -15.03 20.93
N ALA A 283 -9.80 -15.59 19.82
CA ALA A 283 -9.07 -16.66 19.14
C ALA A 283 -7.60 -16.25 18.86
N LYS A 284 -7.45 -15.18 18.07
CA LYS A 284 -6.13 -14.64 17.70
C LYS A 284 -5.31 -14.36 18.96
N GLN A 285 -6.01 -13.92 19.98
CA GLN A 285 -5.43 -13.57 21.27
C GLN A 285 -4.75 -14.78 21.91
N GLU A 286 -5.48 -15.89 21.93
CA GLU A 286 -5.01 -17.14 22.49
C GLU A 286 -3.84 -17.65 21.66
N PHE A 287 -3.94 -17.48 20.35
CA PHE A 287 -2.81 -17.89 19.53
C PHE A 287 -1.55 -17.09 19.87
N PHE A 288 -1.71 -15.79 19.98
CA PHE A 288 -0.59 -14.90 20.24
C PHE A 288 0.07 -15.26 21.58
N ALA A 289 -0.77 -15.46 22.59
CA ALA A 289 -0.29 -15.90 23.91
C ALA A 289 0.47 -17.23 23.84
N GLY A 290 -0.09 -18.18 23.06
CA GLY A 290 0.58 -19.45 22.82
C GLY A 290 1.97 -19.28 22.26
N GLN A 291 2.09 -18.51 21.17
CA GLN A 291 3.39 -18.11 20.64
C GLN A 291 4.35 -17.55 21.71
N LEU A 292 3.84 -16.64 22.54
CA LEU A 292 4.69 -16.04 23.57
C LEU A 292 5.19 -17.07 24.60
N GLU A 293 4.32 -18.03 24.95
CA GLU A 293 4.68 -19.08 25.92
C GLU A 293 5.72 -20.00 25.31
N LYS A 294 5.57 -20.30 24.02
CA LYS A 294 6.56 -21.15 23.34
C LYS A 294 7.91 -20.45 23.21
N ILE A 295 7.89 -19.14 22.93
CA ILE A 295 9.12 -18.36 22.90
C ILE A 295 9.77 -18.39 24.26
N GLU A 296 8.97 -18.12 25.29
CA GLU A 296 9.46 -18.09 26.67
C GLU A 296 10.09 -19.41 27.06
N ASP A 297 9.44 -20.50 26.70
CA ASP A 297 9.97 -21.82 27.00
C ASP A 297 11.30 -22.07 26.27
N SER A 298 11.37 -21.74 24.97
CA SER A 298 12.62 -21.97 24.22
C SER A 298 13.74 -21.15 24.81
N LEU A 299 13.46 -19.91 25.17
CA LEU A 299 14.44 -19.02 25.79
C LEU A 299 14.95 -19.62 27.09
N LYS A 300 14.01 -20.08 27.94
CA LYS A 300 14.38 -20.65 29.24
C LYS A 300 15.31 -21.85 29.02
N GLU A 301 15.00 -22.63 28.00
CA GLU A 301 15.78 -23.83 27.74
C GLU A 301 17.17 -23.47 27.19
N ILE A 302 17.24 -22.41 26.39
CA ILE A 302 18.51 -21.92 25.83
C ILE A 302 19.45 -21.45 26.95
N LYS A 303 18.88 -20.75 27.93
CA LYS A 303 19.65 -20.25 29.06
C LYS A 303 19.84 -21.35 30.12
N GLU A 304 19.57 -22.60 29.70
CA GLU A 304 19.72 -23.86 30.47
C GLU A 304 19.96 -23.71 31.95
N LYS B 2 3.92 18.65 -27.28
CA LYS B 2 3.67 17.71 -26.19
C LYS B 2 4.91 17.60 -25.28
N GLU B 3 4.72 17.20 -24.02
CA GLU B 3 5.75 17.27 -22.98
C GLU B 3 6.54 15.97 -22.81
N TYR B 4 7.86 16.10 -22.62
CA TYR B 4 8.74 14.92 -22.57
C TYR B 4 8.60 14.12 -21.27
N MET B 5 8.57 12.80 -21.41
CA MET B 5 8.58 11.88 -20.28
C MET B 5 9.83 10.96 -20.35
N GLU B 6 10.61 10.95 -19.27
CA GLU B 6 11.92 10.27 -19.24
C GLU B 6 11.89 8.85 -18.57
N TYR B 7 11.84 7.80 -19.41
CA TYR B 7 11.68 6.42 -18.94
C TYR B 7 12.92 5.50 -18.99
N ARG B 8 14.13 6.06 -19.08
CA ARG B 8 15.33 5.22 -18.93
C ARG B 8 15.37 4.51 -17.55
N PRO B 9 14.84 5.14 -16.47
CA PRO B 9 14.76 4.36 -15.22
C PRO B 9 13.93 3.09 -15.38
N LEU B 10 12.74 3.18 -15.96
CA LEU B 10 11.94 1.98 -16.23
C LEU B 10 12.77 0.94 -17.06
N GLY B 11 13.42 1.39 -18.13
CA GLY B 11 14.22 0.47 -18.93
C GLY B 11 15.28 -0.21 -18.08
N GLU B 12 15.93 0.57 -17.23
CA GLU B 12 17.00 0.09 -16.37
C GLU B 12 16.52 -0.95 -15.37
N GLU B 13 15.41 -0.66 -14.71
CA GLU B 13 14.85 -1.54 -13.70
C GLU B 13 14.40 -2.86 -14.33
N ILE B 14 13.70 -2.80 -15.46
CA ILE B 14 13.28 -4.02 -16.13
C ILE B 14 14.49 -4.84 -16.56
N GLU B 15 15.54 -4.18 -17.04
CA GLU B 15 16.76 -4.89 -17.45
C GLU B 15 17.47 -5.56 -16.24
N ARG B 16 17.54 -4.81 -15.15
CA ARG B 16 18.07 -5.32 -13.89
C ARG B 16 17.32 -6.60 -13.43
N ILE B 17 15.99 -6.56 -13.46
CA ILE B 17 15.22 -7.75 -13.10
C ILE B 17 15.41 -8.85 -14.10
N ARG B 18 15.45 -8.52 -15.40
CA ARG B 18 15.51 -9.54 -16.45
C ARG B 18 16.84 -10.31 -16.41
N LYS B 19 17.93 -9.59 -16.27
CA LYS B 19 19.24 -10.25 -16.15
C LYS B 19 19.39 -10.93 -14.78
N GLY B 20 18.87 -10.30 -13.72
CA GLY B 20 18.92 -10.89 -12.40
C GLY B 20 18.18 -12.23 -12.33
N LYS B 21 17.19 -12.39 -13.20
CA LYS B 21 16.45 -13.63 -13.24
C LYS B 21 16.87 -14.53 -14.39
N ASN B 22 17.96 -14.19 -15.07
CA ASN B 22 18.50 -15.04 -16.15
C ASN B 22 17.48 -15.34 -17.28
N ILE B 23 16.73 -14.33 -17.67
CA ILE B 23 15.79 -14.52 -18.76
C ILE B 23 16.37 -13.88 -20.02
N PRO B 24 16.64 -14.69 -21.06
CA PRO B 24 17.20 -14.17 -22.31
C PRO B 24 16.10 -13.50 -23.19
N LEU B 25 16.49 -12.61 -24.09
CA LEU B 25 15.54 -11.82 -24.89
C LEU B 25 14.58 -12.66 -25.75
N ARG B 26 15.08 -13.82 -26.18
CA ARG B 26 14.30 -14.71 -27.02
C ARG B 26 12.99 -14.99 -26.29
N VAL B 27 13.01 -15.04 -24.96
CA VAL B 27 11.77 -15.31 -24.21
C VAL B 27 10.71 -14.18 -24.43
N PHE B 28 11.17 -12.93 -24.55
CA PHE B 28 10.27 -11.82 -24.88
C PHE B 28 9.62 -12.09 -26.22
N ASP B 29 10.42 -12.43 -27.22
CA ASP B 29 9.84 -12.76 -28.53
C ASP B 29 8.86 -13.97 -28.51
N GLU B 30 9.18 -14.99 -27.71
CA GLU B 30 8.37 -16.19 -27.65
C GLU B 30 7.02 -15.83 -27.10
N ASN B 31 6.98 -14.81 -26.23
CA ASN B 31 5.72 -14.35 -25.65
C ASN B 31 5.07 -13.15 -26.38
N GLY B 32 5.57 -12.82 -27.56
CA GLY B 32 4.93 -11.78 -28.37
C GLY B 32 5.34 -10.33 -28.11
N VAL B 33 6.48 -10.12 -27.46
CA VAL B 33 7.08 -8.80 -27.31
C VAL B 33 8.32 -8.74 -28.21
N SER B 34 8.34 -7.92 -29.27
CA SER B 34 9.57 -7.85 -30.07
C SER B 34 10.76 -7.46 -29.20
N SER B 35 11.77 -8.34 -29.15
CA SER B 35 13.01 -8.05 -28.42
C SER B 35 13.75 -6.82 -28.98
N ARG B 36 13.70 -6.64 -30.29
CA ARG B 36 14.33 -5.46 -30.87
C ARG B 36 13.58 -4.19 -30.45
N SER B 37 12.25 -4.19 -30.51
CA SER B 37 11.48 -3.03 -30.00
C SER B 37 11.85 -2.78 -28.53
N TYR B 38 12.00 -3.85 -27.78
CA TYR B 38 12.26 -3.67 -26.36
C TYR B 38 13.67 -3.07 -26.14
N GLN B 39 14.66 -3.59 -26.85
CA GLN B 39 16.02 -3.07 -26.78
C GLN B 39 16.06 -1.60 -27.17
N ARG B 40 15.31 -1.22 -28.21
CA ARG B 40 15.27 0.17 -28.64
C ARG B 40 14.61 1.01 -27.54
N PHE B 41 13.65 0.41 -26.83
CA PHE B 41 13.07 1.11 -25.71
C PHE B 41 14.12 1.41 -24.65
N VAL B 42 14.83 0.36 -24.20
CA VAL B 42 15.76 0.54 -23.08
C VAL B 42 16.87 1.49 -23.48
N GLN B 43 17.23 1.47 -24.77
CA GLN B 43 18.27 2.36 -25.32
C GLN B 43 17.80 3.78 -25.33
N GLY B 44 16.51 3.96 -25.44
CA GLY B 44 15.89 5.29 -25.39
C GLY B 44 15.36 5.83 -26.71
N ASN B 45 15.40 4.99 -27.73
CA ASN B 45 14.97 5.35 -29.06
C ASN B 45 13.56 4.96 -29.42
N SER B 46 12.78 4.49 -28.46
CA SER B 46 11.41 4.07 -28.72
C SER B 46 10.59 4.20 -27.42
N GLU B 47 9.27 4.29 -27.57
CA GLU B 47 8.36 4.40 -26.45
C GLU B 47 7.77 3.04 -26.14
N LEU B 48 7.61 2.70 -24.87
CA LEU B 48 7.09 1.37 -24.48
C LEU B 48 5.54 1.32 -24.53
N ARG B 49 4.99 0.30 -25.20
CA ARG B 49 3.54 0.12 -25.27
C ARG B 49 3.05 -0.51 -24.00
N ILE B 50 1.85 -0.13 -23.57
CA ILE B 50 1.30 -0.71 -22.36
C ILE B 50 1.03 -2.22 -22.52
N SER B 51 0.63 -2.65 -23.71
CA SER B 51 0.36 -4.07 -23.95
C SER B 51 1.63 -4.86 -23.73
N ASP B 52 2.72 -4.30 -24.19
CA ASP B 52 4.03 -4.93 -24.03
C ASP B 52 4.53 -4.93 -22.58
N LEU B 53 4.37 -3.83 -21.86
CA LEU B 53 4.73 -3.79 -20.44
C LEU B 53 3.95 -4.91 -19.67
N ALA B 54 2.66 -5.06 -19.99
CA ALA B 54 1.82 -6.07 -19.32
C ALA B 54 2.37 -7.48 -19.54
N ILE B 55 2.72 -7.75 -20.80
CA ILE B 55 3.39 -9.04 -21.07
C ILE B 55 4.74 -9.22 -20.34
N ILE B 56 5.57 -8.17 -20.36
CA ILE B 56 6.87 -8.23 -19.68
C ILE B 56 6.71 -8.49 -18.18
N VAL B 57 5.71 -7.91 -17.52
CA VAL B 57 5.62 -8.17 -16.07
C VAL B 57 5.18 -9.63 -15.85
N GLU B 58 4.38 -10.17 -16.78
CA GLU B 58 4.08 -11.61 -16.59
C GLU B 58 5.33 -12.51 -16.82
N ILE B 59 6.15 -12.13 -17.81
CA ILE B 59 7.35 -12.89 -18.11
C ILE B 59 8.31 -12.92 -16.93
N LEU B 60 8.52 -11.76 -16.30
CA LEU B 60 9.53 -11.62 -15.23
C LEU B 60 8.92 -11.79 -13.85
N SER B 61 7.64 -12.14 -13.82
CA SER B 61 6.92 -12.31 -12.57
C SER B 61 7.08 -11.07 -11.62
N ILE B 62 6.89 -9.89 -12.21
CA ILE B 62 6.96 -8.63 -11.52
C ILE B 62 5.58 -8.14 -11.10
N SER B 63 5.37 -7.76 -9.85
CA SER B 63 4.13 -7.01 -9.57
C SER B 63 4.35 -5.56 -9.94
N PRO B 64 3.46 -4.97 -10.76
CA PRO B 64 3.62 -3.60 -11.28
C PRO B 64 3.91 -2.56 -10.16
N MET B 65 3.27 -2.74 -9.00
CA MET B 65 3.47 -1.83 -7.87
C MET B 65 4.93 -1.81 -7.34
N GLU B 66 5.64 -2.93 -7.45
CA GLU B 66 7.08 -2.98 -7.19
C GLU B 66 7.89 -1.99 -7.99
N MET B 67 7.38 -1.66 -9.16
CA MET B 67 8.04 -0.70 -10.00
C MET B 67 7.42 0.71 -9.99
N THR B 68 6.55 1.06 -9.02
CA THR B 68 5.83 2.33 -9.22
C THR B 68 6.73 3.53 -9.45
N GLU B 69 7.82 3.64 -8.70
CA GLU B 69 8.73 4.80 -8.78
C GLU B 69 9.33 4.95 -10.18
N LYS B 70 9.44 3.84 -10.91
CA LYS B 70 9.98 3.90 -12.26
C LYS B 70 8.90 4.07 -13.33
N LEU B 71 7.66 3.68 -13.01
CA LEU B 71 6.58 3.74 -13.99
C LEU B 71 6.09 5.17 -14.14
N THR B 72 6.44 5.99 -13.17
CA THR B 72 6.03 7.37 -13.17
C THR B 72 7.19 8.33 -13.09
N PRO B 73 7.65 8.78 -14.26
CA PRO B 73 8.71 9.78 -14.37
C PRO B 73 8.16 11.06 -13.79
N MET B 74 9.01 12.03 -13.51
CA MET B 74 8.42 13.25 -13.05
C MET B 74 8.50 14.31 -14.10
N SER B 75 7.33 14.84 -14.40
CA SER B 75 7.20 15.88 -15.37
C SER B 75 7.70 17.13 -14.70
N LYS B 76 7.70 18.24 -15.43
CA LYS B 76 8.14 19.48 -14.86
C LYS B 76 7.38 19.71 -13.58
N THR B 77 6.08 19.43 -13.61
CA THR B 77 5.29 19.75 -12.45
C THR B 77 5.72 19.05 -11.16
N VAL B 78 5.83 17.74 -11.20
CA VAL B 78 6.20 16.97 -10.01
C VAL B 78 7.57 17.40 -9.44
N LEU B 79 8.49 17.62 -10.36
CA LEU B 79 9.83 18.00 -10.03
C LEU B 79 9.84 19.36 -9.31
N ALA B 80 9.16 20.33 -9.91
CA ALA B 80 9.06 21.65 -9.34
C ALA B 80 8.42 21.60 -7.94
N LYS B 81 7.42 20.74 -7.76
CA LYS B 81 6.78 20.68 -6.45
C LYS B 81 7.75 20.09 -5.40
N GLU B 82 8.58 19.14 -5.78
CA GLU B 82 9.54 18.62 -4.81
C GLU B 82 10.59 19.65 -4.46
N GLN B 83 10.97 20.44 -5.45
CA GLN B 83 11.93 21.50 -5.24
C GLN B 83 11.38 22.52 -4.23
N PHE B 84 10.12 22.90 -4.46
CA PHE B 84 9.41 23.82 -3.58
C PHE B 84 9.29 23.30 -2.15
N ASN B 85 8.94 22.03 -2.06
CA ASN B 85 8.77 21.35 -0.80
C ASN B 85 10.00 21.34 0.07
N GLN B 86 11.13 20.96 -0.50
CA GLN B 86 12.34 20.99 0.30
C GLN B 86 12.81 22.44 0.53
N ALA B 87 12.42 23.36 -0.34
CA ALA B 87 12.74 24.78 -0.09
C ALA B 87 12.05 25.27 1.20
N ILE B 88 10.73 25.06 1.30
CA ILE B 88 10.00 25.51 2.48
C ILE B 88 10.42 24.70 3.70
N PHE B 89 10.67 23.40 3.54
CA PHE B 89 10.97 22.60 4.74
C PHE B 89 12.36 22.93 5.29
N SER B 90 13.26 23.39 4.45
CA SER B 90 14.56 23.79 4.94
C SER B 90 14.49 25.29 5.27
N LYS B 91 13.26 25.82 5.33
CA LYS B 91 12.99 27.20 5.70
C LYS B 91 13.81 28.16 4.86
N ASN B 92 14.09 27.77 3.61
CA ASN B 92 14.81 28.68 2.75
C ASN B 92 13.78 29.30 1.77
N PHE B 93 13.28 30.45 2.16
CA PHE B 93 12.08 31.01 1.56
C PHE B 93 12.38 31.81 0.32
N GLN B 94 13.64 32.06 0.08
CA GLN B 94 14.05 32.79 -1.10
C GLN B 94 13.83 31.93 -2.35
N GLU B 95 14.24 30.67 -2.23
CA GLU B 95 14.03 29.68 -3.28
C GLU B 95 12.57 29.42 -3.45
N SER B 96 11.85 29.11 -2.35
CA SER B 96 10.43 28.83 -2.45
C SER B 96 9.70 29.97 -3.15
N SER B 97 10.04 31.22 -2.80
CA SER B 97 9.41 32.35 -3.49
C SER B 97 9.71 32.33 -4.97
N ARG B 98 10.97 32.02 -5.30
CA ARG B 98 11.31 32.03 -6.71
C ARG B 98 10.65 30.85 -7.48
N ILE B 99 10.61 29.69 -6.85
CA ILE B 99 10.01 28.49 -7.44
C ILE B 99 8.53 28.67 -7.71
N VAL B 100 7.80 29.19 -6.73
CA VAL B 100 6.39 29.41 -6.98
C VAL B 100 6.28 30.45 -8.09
N ALA B 101 7.15 31.45 -8.07
CA ALA B 101 7.08 32.46 -9.12
C ALA B 101 7.26 31.88 -10.55
N ASP B 102 8.20 30.96 -10.70
CA ASP B 102 8.41 30.37 -11.99
C ASP B 102 7.26 29.43 -12.35
N TYR B 103 6.83 28.61 -11.40
CA TYR B 103 5.75 27.68 -11.68
C TYR B 103 4.43 28.38 -12.04
N ARG B 104 4.16 29.56 -11.48
CA ARG B 104 2.92 30.25 -11.82
C ARG B 104 2.95 30.62 -13.31
N ALA B 105 4.11 31.07 -13.77
CA ALA B 105 4.27 31.41 -15.17
C ALA B 105 4.05 30.18 -16.06
N TYR B 106 4.73 29.08 -15.75
CA TYR B 106 4.56 27.82 -16.51
C TYR B 106 3.11 27.36 -16.49
N TYR B 107 2.43 27.57 -15.37
CA TYR B 107 1.04 27.16 -15.20
C TYR B 107 0.12 27.96 -16.10
N GLU B 108 0.38 29.25 -16.22
CA GLU B 108 -0.52 30.07 -17.02
C GLU B 108 -0.23 29.91 -18.51
N LYS B 109 0.99 29.55 -18.85
CA LYS B 109 1.34 29.31 -20.26
C LYS B 109 0.89 27.93 -20.75
N SER B 110 0.84 26.96 -19.85
CA SER B 110 0.54 25.57 -20.18
C SER B 110 -0.86 25.10 -20.52
N SER B 111 -0.91 23.83 -20.87
CA SER B 111 -2.09 23.07 -21.21
C SER B 111 -2.84 22.84 -19.92
N PHE B 112 -4.18 22.76 -19.98
CA PHE B 112 -4.97 22.52 -18.78
C PHE B 112 -4.71 21.12 -18.25
N ALA B 113 -4.46 20.99 -16.95
CA ALA B 113 -4.36 19.67 -16.32
C ALA B 113 -4.77 19.82 -14.88
N LEU B 114 -5.63 18.93 -14.38
CA LEU B 114 -6.04 19.00 -12.99
C LEU B 114 -4.83 18.85 -12.05
N GLY B 115 -3.87 18.00 -12.43
CA GLY B 115 -2.69 17.80 -11.60
C GLY B 115 -1.90 19.10 -11.43
N LYS B 116 -1.81 19.87 -12.48
CA LYS B 116 -1.15 21.17 -12.45
C LYS B 116 -1.90 22.16 -11.55
N GLN B 117 -3.23 22.18 -11.68
CA GLN B 117 -4.07 23.05 -10.87
C GLN B 117 -3.83 22.74 -9.39
N GLU B 118 -3.77 21.45 -9.08
CA GLU B 118 -3.69 21.02 -7.66
C GLU B 118 -2.29 21.32 -7.10
N VAL B 119 -1.24 21.18 -7.92
CA VAL B 119 0.08 21.64 -7.46
C VAL B 119 0.18 23.16 -7.28
N MET B 120 -0.46 23.94 -8.17
CA MET B 120 -0.45 25.39 -7.99
C MET B 120 -1.09 25.77 -6.66
N TYR B 121 -2.23 25.15 -6.39
CA TYR B 121 -2.90 25.43 -5.13
C TYR B 121 -2.00 25.06 -3.98
N SER B 122 -1.40 23.90 -4.04
CA SER B 122 -0.56 23.48 -2.93
C SER B 122 0.63 24.47 -2.68
N MET B 123 1.22 24.97 -3.77
CA MET B 123 2.28 25.97 -3.62
C MET B 123 1.75 27.26 -2.96
N LEU B 124 0.61 27.77 -3.44
CA LEU B 124 0.05 28.99 -2.85
C LEU B 124 -0.25 28.79 -1.36
N ALA B 125 -0.79 27.62 -1.03
CA ALA B 125 -1.22 27.33 0.32
C ALA B 125 -0.01 27.23 1.26
N LEU B 126 1.03 26.54 0.84
CA LEU B 126 2.16 26.36 1.74
C LEU B 126 2.93 27.66 1.84
N GLU B 127 2.90 28.41 0.76
CA GLU B 127 3.60 29.69 0.74
C GLU B 127 2.88 30.56 1.79
N TYR B 128 1.55 30.53 1.81
CA TYR B 128 0.76 31.28 2.78
C TYR B 128 1.03 30.80 4.20
N LEU B 129 1.07 29.50 4.38
CA LEU B 129 1.18 28.98 5.73
C LEU B 129 2.56 29.10 6.36
N PHE B 130 3.64 29.04 5.57
CA PHE B 130 4.99 28.89 6.17
C PHE B 130 6.00 29.95 5.83
N ASN B 131 5.72 30.76 4.83
CA ASN B 131 6.65 31.78 4.45
C ASN B 131 6.16 33.14 4.81
N PRO B 132 6.70 33.71 5.87
CA PRO B 132 6.31 35.02 6.35
C PRO B 132 6.43 36.16 5.37
N GLN B 133 7.33 36.12 4.39
CA GLN B 133 7.39 37.20 3.44
C GLN B 133 6.98 36.71 2.05
N THR B 134 5.77 36.17 1.92
CA THR B 134 5.36 35.69 0.64
C THR B 134 4.64 36.83 -0.07
N VAL B 135 4.65 36.78 -1.38
CA VAL B 135 3.91 37.78 -2.14
C VAL B 135 2.54 37.15 -2.50
N VAL B 136 2.33 35.91 -2.11
CA VAL B 136 1.06 35.24 -2.39
C VAL B 136 -0.06 35.93 -1.59
N THR B 137 -1.19 36.20 -2.23
CA THR B 137 -2.31 36.88 -1.54
C THR B 137 -3.42 35.92 -1.13
N LYS B 138 -4.22 36.34 -0.14
CA LYS B 138 -5.43 35.60 0.22
C LYS B 138 -6.37 35.51 -0.97
N GLU B 139 -6.49 36.61 -1.71
CA GLU B 139 -7.41 36.69 -2.83
C GLU B 139 -7.14 35.64 -3.88
N GLU B 140 -5.87 35.48 -4.21
CA GLU B 140 -5.36 34.50 -5.16
C GLU B 140 -5.66 33.05 -4.76
N ILE B 141 -5.33 32.74 -3.53
CA ILE B 141 -5.59 31.43 -2.96
C ILE B 141 -7.10 31.13 -2.97
N ILE B 142 -7.91 32.08 -2.50
CA ILE B 142 -9.36 31.86 -2.45
C ILE B 142 -9.98 31.66 -3.84
N ALA B 143 -9.59 32.47 -4.82
CA ALA B 143 -10.04 32.29 -6.19
C ALA B 143 -9.71 30.86 -6.73
N LEU B 144 -8.46 30.44 -6.55
CA LEU B 144 -8.07 29.14 -7.06
C LEU B 144 -8.80 28.02 -6.25
N GLU B 145 -8.87 28.20 -4.94
CA GLU B 145 -9.67 27.34 -4.05
C GLU B 145 -11.11 27.11 -4.55
N ASN B 146 -11.78 28.19 -4.93
CA ASN B 146 -13.13 28.04 -5.46
C ASN B 146 -13.22 27.43 -6.85
N GLN B 147 -12.21 27.62 -7.71
CA GLN B 147 -12.22 26.84 -8.95
C GLN B 147 -12.12 25.33 -8.68
N ILE B 148 -11.22 24.98 -7.77
CA ILE B 148 -11.07 23.57 -7.48
C ILE B 148 -12.31 22.96 -6.81
N LEU B 149 -12.87 23.71 -5.87
CA LEU B 149 -14.10 23.30 -5.20
C LEU B 149 -15.24 23.16 -6.16
N GLU B 150 -15.38 24.09 -7.09
CA GLU B 150 -16.47 24.02 -8.03
C GLU B 150 -16.33 22.74 -8.86
N ARG B 151 -15.08 22.42 -9.24
CA ARG B 151 -14.86 21.16 -9.96
C ARG B 151 -15.25 19.97 -9.10
N LEU B 152 -14.93 20.03 -7.81
CA LEU B 152 -15.22 18.88 -6.95
C LEU B 152 -16.72 18.73 -6.74
N ILE B 153 -17.40 19.83 -6.45
CA ILE B 153 -18.84 19.85 -6.32
C ILE B 153 -19.53 19.20 -7.54
N ASN B 154 -19.10 19.54 -8.76
CA ASN B 154 -19.72 18.99 -9.95
C ASN B 154 -19.20 17.61 -10.42
N ALA B 155 -18.14 17.08 -9.77
CA ALA B 155 -17.60 15.77 -10.14
C ALA B 155 -18.47 14.60 -9.58
N ASP B 156 -18.35 13.42 -10.18
CA ASP B 156 -19.06 12.22 -9.70
C ASP B 156 -18.02 11.19 -9.27
N VAL B 157 -16.76 11.44 -9.61
CA VAL B 157 -15.66 10.54 -9.26
C VAL B 157 -14.58 11.33 -8.49
N TYR B 158 -14.01 10.70 -7.48
CA TYR B 158 -12.97 11.35 -6.67
C TYR B 158 -11.73 10.49 -6.57
N THR B 159 -10.57 11.11 -6.37
CA THR B 159 -9.33 10.33 -6.21
C THR B 159 -8.59 10.82 -4.98
N ILE B 160 -7.55 10.12 -4.61
CA ILE B 160 -6.91 10.42 -3.34
C ILE B 160 -6.40 11.89 -3.26
N PHE B 161 -5.99 12.46 -4.39
CA PHE B 161 -5.53 13.86 -4.38
C PHE B 161 -6.66 14.81 -4.08
N ASN B 162 -7.93 14.43 -4.30
CA ASN B 162 -9.01 15.31 -3.88
C ASN B 162 -9.08 15.38 -2.34
N LEU B 163 -8.75 14.27 -1.70
CA LEU B 163 -8.67 14.24 -0.25
C LEU B 163 -7.48 15.04 0.27
N LYS B 164 -6.33 14.92 -0.39
CA LYS B 164 -5.18 15.78 -0.05
C LYS B 164 -5.56 17.27 -0.13
N PHE B 165 -6.25 17.62 -1.24
CA PHE B 165 -6.63 19.00 -1.43
C PHE B 165 -7.53 19.43 -0.26
N LEU B 166 -8.53 18.63 0.07
CA LEU B 166 -9.41 19.03 1.19
C LEU B 166 -8.67 19.17 2.54
N ALA B 167 -7.71 18.29 2.81
CA ALA B 167 -6.96 18.40 4.07
C ALA B 167 -6.17 19.69 4.12
N LEU B 168 -5.60 20.05 2.97
CA LEU B 168 -4.82 21.27 2.88
C LEU B 168 -5.77 22.50 3.03
N GLN B 169 -6.94 22.41 2.43
CA GLN B 169 -7.93 23.50 2.48
C GLN B 169 -8.31 23.82 3.91
N LYS B 170 -8.44 22.76 4.71
CA LYS B 170 -8.79 22.94 6.11
C LYS B 170 -7.57 23.57 6.86
N ASN B 171 -6.33 23.15 6.55
CA ASN B 171 -5.19 23.87 7.18
C ASN B 171 -5.10 25.35 6.81
N VAL B 172 -5.42 25.67 5.58
CA VAL B 172 -5.34 27.07 5.17
C VAL B 172 -6.38 27.92 5.92
N GLY B 173 -7.60 27.39 6.06
CA GLY B 173 -8.62 28.03 6.91
C GLY B 173 -9.04 29.42 6.43
N LEU B 174 -8.97 29.65 5.13
CA LEU B 174 -9.32 30.97 4.60
C LEU B 174 -10.82 30.96 4.21
N GLN B 175 -11.42 29.79 4.16
CA GLN B 175 -12.88 29.71 3.98
C GLN B 175 -13.33 28.60 4.88
N PRO B 176 -14.62 28.58 5.26
CA PRO B 176 -15.11 27.42 6.04
C PRO B 176 -14.85 26.10 5.33
N PHE B 177 -14.72 25.05 6.11
CA PHE B 177 -14.45 23.74 5.57
C PHE B 177 -15.73 23.09 5.01
N PRO B 178 -15.70 22.63 3.74
CA PRO B 178 -16.94 22.03 3.18
C PRO B 178 -17.18 20.59 3.66
N THR B 179 -17.84 20.48 4.80
CA THR B 179 -18.03 19.21 5.49
C THR B 179 -18.79 18.18 4.61
N SER B 180 -19.87 18.63 3.96
CA SER B 180 -20.68 17.76 3.10
C SER B 180 -19.86 17.11 2.00
N LEU B 181 -18.99 17.92 1.43
CA LEU B 181 -18.09 17.49 0.38
C LEU B 181 -17.12 16.43 0.90
N LEU B 182 -16.59 16.61 2.11
CA LEU B 182 -15.73 15.58 2.66
C LEU B 182 -16.50 14.25 2.70
N PHE B 183 -17.75 14.29 3.16
CA PHE B 183 -18.52 13.00 3.20
C PHE B 183 -18.60 12.37 1.82
N ARG B 184 -18.90 13.18 0.81
CA ARG B 184 -18.92 12.61 -0.56
C ARG B 184 -17.56 12.04 -1.00
N VAL B 185 -16.48 12.76 -0.76
CA VAL B 185 -15.18 12.31 -1.23
C VAL B 185 -14.77 11.01 -0.52
N LEU B 186 -14.94 10.96 0.80
CA LEU B 186 -14.63 9.76 1.57
C LEU B 186 -15.43 8.59 1.04
N GLN B 187 -16.74 8.80 0.90
CA GLN B 187 -17.61 7.74 0.40
C GLN B 187 -17.11 7.22 -0.97
N SER B 188 -16.76 8.11 -1.89
CA SER B 188 -16.26 7.67 -3.20
C SER B 188 -14.92 6.93 -3.14
N VAL B 189 -13.94 7.52 -2.46
CA VAL B 189 -12.58 6.97 -2.44
C VAL B 189 -12.60 5.55 -1.85
N ASN B 190 -13.49 5.31 -0.89
CA ASN B 190 -13.49 4.01 -0.23
C ASN B 190 -14.28 2.90 -0.91
N GLU B 191 -14.90 3.18 -2.03
CA GLU B 191 -15.58 2.09 -2.74
C GLU B 191 -14.61 1.16 -3.43
N ARG B 192 -13.38 1.61 -3.63
CA ARG B 192 -12.35 0.73 -4.13
C ARG B 192 -11.39 0.45 -2.99
N GLU B 193 -10.70 -0.66 -3.05
CA GLU B 193 -9.75 -0.91 -1.99
C GLU B 193 -8.45 -0.15 -2.21
N ILE B 194 -8.00 0.57 -1.18
CA ILE B 194 -6.71 1.27 -1.24
C ILE B 194 -5.59 0.28 -0.92
N ILE B 195 -4.56 0.27 -1.76
CA ILE B 195 -3.48 -0.75 -1.82
C ILE B 195 -2.10 -0.20 -1.44
N ASP B 196 -2.03 1.11 -1.53
CA ASP B 196 -0.86 1.96 -1.32
C ASP B 196 -0.79 2.53 0.09
N ILE B 197 0.35 2.43 0.75
CA ILE B 197 0.44 2.94 2.14
C ILE B 197 0.34 4.45 2.23
N ARG B 198 0.72 5.17 1.19
CA ARG B 198 0.59 6.63 1.29
C ARG B 198 -0.84 7.13 1.19
N SER B 199 -1.65 6.50 0.34
CA SER B 199 -3.06 6.91 0.31
C SER B 199 -3.69 6.55 1.64
N LEU B 200 -3.33 5.38 2.16
CA LEU B 200 -3.95 4.93 3.42
C LEU B 200 -3.58 5.92 4.51
N GLU B 201 -2.36 6.44 4.48
CA GLU B 201 -1.94 7.38 5.49
C GLU B 201 -2.76 8.68 5.37
N ILE B 202 -2.94 9.16 4.14
CA ILE B 202 -3.77 10.33 3.95
C ILE B 202 -5.21 10.12 4.50
N ILE B 203 -5.84 9.03 4.08
CA ILE B 203 -7.21 8.72 4.48
C ILE B 203 -7.34 8.59 5.98
N GLU B 204 -6.42 7.84 6.57
CA GLU B 204 -6.50 7.58 8.02
C GLU B 204 -6.38 8.88 8.83
N GLN B 205 -5.40 9.70 8.44
CA GLN B 205 -5.24 10.96 9.15
C GLN B 205 -6.47 11.85 8.98
N VAL B 206 -6.99 11.93 7.75
CA VAL B 206 -8.16 12.77 7.54
C VAL B 206 -9.34 12.30 8.39
N ILE B 207 -9.61 10.99 8.49
CA ILE B 207 -10.85 10.62 9.22
C ILE B 207 -10.69 10.67 10.75
N ILE B 208 -9.48 10.39 11.24
CA ILE B 208 -9.18 10.61 12.64
C ILE B 208 -9.34 12.10 12.99
N ASP B 209 -8.80 12.98 12.17
CA ASP B 209 -8.99 14.41 12.47
C ASP B 209 -10.47 14.78 12.45
N PHE B 210 -11.20 14.21 11.47
CA PHE B 210 -12.61 14.51 11.27
C PHE B 210 -13.40 14.13 12.53
N LEU B 211 -13.15 12.91 13.02
CA LEU B 211 -13.84 12.40 14.21
C LEU B 211 -13.50 13.22 15.45
N PHE B 212 -12.22 13.55 15.59
CA PHE B 212 -11.81 14.34 16.73
C PHE B 212 -12.48 15.74 16.73
N ALA B 213 -12.44 16.45 15.60
CA ALA B 213 -13.06 17.76 15.50
C ALA B 213 -14.55 17.66 15.83
N ALA B 214 -15.17 16.62 15.29
CA ALA B 214 -16.60 16.42 15.50
C ALA B 214 -16.91 16.26 17.01
N ILE B 215 -16.23 15.33 17.67
CA ILE B 215 -16.40 15.15 19.12
C ILE B 215 -16.20 16.47 19.89
N VAL B 216 -15.12 17.20 19.59
CA VAL B 216 -14.79 18.42 20.34
C VAL B 216 -15.87 19.50 20.15
N SER B 217 -16.53 19.46 18.99
CA SER B 217 -17.56 20.43 18.70
C SER B 217 -18.88 20.22 19.50
N GLN B 218 -19.09 19.00 20.01
CA GLN B 218 -20.32 18.67 20.75
C GLN B 218 -21.62 18.82 19.94
N ASN B 219 -21.46 18.89 18.63
CA ASN B 219 -22.56 18.87 17.69
C ASN B 219 -22.99 17.40 17.49
N VAL B 220 -23.99 16.97 18.23
CA VAL B 220 -24.32 15.55 18.31
C VAL B 220 -24.83 14.97 17.00
N PRO B 221 -25.68 15.70 16.25
CA PRO B 221 -26.06 15.11 14.96
C PRO B 221 -24.86 14.89 14.07
N HIS B 222 -23.91 15.82 14.10
CA HIS B 222 -22.75 15.70 13.24
C HIS B 222 -21.86 14.57 13.75
N ILE B 223 -21.69 14.46 15.06
CA ILE B 223 -20.91 13.36 15.62
C ILE B 223 -21.50 12.02 15.23
N LEU B 224 -22.82 11.87 15.32
CA LEU B 224 -23.47 10.64 14.91
C LEU B 224 -23.25 10.34 13.43
N HIS B 225 -23.32 11.38 12.58
CA HIS B 225 -23.07 11.19 11.14
C HIS B 225 -21.63 10.64 10.97
N VAL B 226 -20.64 11.28 11.61
CA VAL B 226 -19.23 10.86 11.51
C VAL B 226 -19.01 9.46 12.10
N LEU B 227 -19.63 9.19 13.25
CA LEU B 227 -19.57 7.88 13.88
C LEU B 227 -20.08 6.81 12.93
N SER B 228 -21.15 7.12 12.21
CA SER B 228 -21.71 6.14 11.31
C SER B 228 -20.73 5.84 10.16
N MET B 229 -20.12 6.91 9.64
CA MET B 229 -19.12 6.77 8.56
C MET B 229 -17.94 5.92 9.03
N PHE B 230 -17.51 6.13 10.25
CA PHE B 230 -16.40 5.39 10.80
C PHE B 230 -16.71 3.93 10.97
N LYS B 231 -17.90 3.65 11.43
CA LYS B 231 -18.32 2.26 11.62
C LYS B 231 -18.32 1.49 10.31
N GLU B 232 -18.68 2.16 9.21
CA GLU B 232 -18.58 1.51 7.88
C GLU B 232 -17.17 1.38 7.28
N TYR B 233 -16.18 2.08 7.82
CA TYR B 233 -14.86 2.14 7.22
C TYR B 233 -14.14 0.80 7.43
N GLU B 234 -13.70 0.16 6.36
CA GLU B 234 -13.14 -1.17 6.47
C GLU B 234 -11.64 -1.11 6.79
N VAL B 235 -11.26 -1.90 7.77
CA VAL B 235 -9.90 -1.96 8.30
C VAL B 235 -9.36 -3.38 8.34
N GLY B 236 -8.12 -3.58 7.89
CA GLY B 236 -7.48 -4.88 8.02
C GLY B 236 -7.20 -5.35 9.46
N GLU B 237 -7.14 -6.68 9.64
CA GLU B 237 -6.86 -7.32 10.93
C GLU B 237 -5.63 -6.81 11.62
N ASN B 238 -4.63 -6.48 10.82
CA ASN B 238 -3.31 -6.15 11.34
C ASN B 238 -3.11 -4.68 11.55
N ASN B 239 -4.10 -3.88 11.14
CA ASN B 239 -4.00 -2.45 11.29
C ASN B 239 -4.50 -2.03 12.68
N TRP B 240 -3.72 -2.42 13.68
CA TRP B 240 -4.09 -2.31 15.07
C TRP B 240 -4.47 -0.86 15.49
N ARG B 241 -3.79 0.11 14.93
CA ARG B 241 -4.06 1.50 15.27
C ARG B 241 -5.48 1.93 14.86
N MET B 242 -5.87 1.58 13.66
CA MET B 242 -7.20 1.90 13.19
C MET B 242 -8.24 1.02 13.85
N ILE B 243 -7.88 -0.21 14.21
CA ILE B 243 -8.79 -1.03 15.00
C ILE B 243 -9.14 -0.25 16.26
N LEU B 244 -8.13 0.34 16.90
CA LEU B 244 -8.37 1.05 18.14
C LEU B 244 -9.24 2.30 17.90
N TRP B 245 -8.93 3.09 16.87
CA TRP B 245 -9.76 4.28 16.67
C TRP B 245 -11.21 3.89 16.34
N LYS B 246 -11.40 2.77 15.66
CA LYS B 246 -12.77 2.34 15.40
C LYS B 246 -13.41 1.96 16.74
N LYS B 247 -12.65 1.32 17.64
CA LYS B 247 -13.26 1.00 18.94
C LYS B 247 -13.56 2.29 19.74
N ILE B 248 -12.77 3.34 19.57
CA ILE B 248 -13.02 4.58 20.30
C ILE B 248 -14.35 5.17 19.80
N ALA B 249 -14.52 5.18 18.48
CA ALA B 249 -15.72 5.68 17.85
C ALA B 249 -16.97 4.86 18.25
N GLU B 250 -16.83 3.56 18.33
CA GLU B 250 -17.92 2.75 18.78
C GLU B 250 -18.26 2.99 20.27
N LYS B 251 -17.26 3.25 21.12
CA LYS B 251 -17.58 3.47 22.55
C LYS B 251 -18.36 4.78 22.69
N ILE B 252 -17.95 5.77 21.90
CA ILE B 252 -18.67 7.03 21.91
C ILE B 252 -20.07 6.87 21.33
N GLU B 253 -20.21 6.09 20.27
CA GLU B 253 -21.52 5.84 19.69
C GLU B 253 -22.45 5.13 20.68
N MET B 254 -21.94 4.11 21.37
CA MET B 254 -22.72 3.38 22.34
C MET B 254 -23.13 4.28 23.50
N ILE B 255 -22.23 5.19 23.90
CA ILE B 255 -22.59 6.09 24.98
C ILE B 255 -23.59 7.16 24.58
N LEU B 256 -23.43 7.76 23.41
CA LEU B 256 -24.38 8.76 22.95
C LEU B 256 -25.78 8.17 22.70
N THR B 257 -25.88 6.89 22.34
CA THR B 257 -27.19 6.31 22.03
C THR B 257 -27.68 5.54 23.27
N ASN B 258 -27.00 5.78 24.40
CA ASN B 258 -27.37 5.30 25.73
C ASN B 258 -27.35 3.80 25.89
N GLU B 259 -26.64 3.09 25.03
CA GLU B 259 -26.53 1.65 25.22
C GLU B 259 -25.50 1.37 26.27
N GLU B 260 -24.63 2.35 26.48
CA GLU B 260 -23.64 2.30 27.54
C GLU B 260 -23.55 3.68 28.21
N ILE B 261 -22.89 3.69 29.36
CA ILE B 261 -22.76 4.87 30.19
C ILE B 261 -21.31 5.30 30.31
N PHE B 262 -21.07 6.40 31.01
CA PHE B 262 -19.74 7.03 31.09
C PHE B 262 -18.67 6.15 31.76
N ALA B 263 -19.10 5.34 32.75
CA ALA B 263 -18.22 4.41 33.46
C ALA B 263 -17.45 3.53 32.49
N ASP B 264 -18.17 3.03 31.49
CA ASP B 264 -17.64 2.15 30.44
C ASP B 264 -16.54 2.83 29.58
N TRP B 265 -16.72 4.14 29.32
CA TRP B 265 -15.71 4.96 28.65
C TRP B 265 -14.46 5.03 29.48
N SER B 266 -14.63 5.24 30.79
CA SER B 266 -13.49 5.37 31.69
C SER B 266 -12.66 4.08 31.76
N ILE B 267 -13.38 2.97 31.89
CA ILE B 267 -12.79 1.63 31.83
C ILE B 267 -11.95 1.45 30.57
N PHE B 268 -12.58 1.81 29.46
CA PHE B 268 -11.97 1.73 28.14
C PHE B 268 -10.69 2.56 28.04
N LYS B 269 -10.79 3.82 28.48
CA LYS B 269 -9.70 4.78 28.36
C LYS B 269 -8.52 4.35 29.18
N GLU B 270 -8.77 3.85 30.39
CA GLU B 270 -7.64 3.41 31.21
C GLU B 270 -6.93 2.20 30.60
N GLN B 271 -7.70 1.25 30.05
CA GLN B 271 -7.05 0.13 29.36
C GLN B 271 -6.11 0.60 28.23
N ILE B 272 -6.61 1.53 27.41
CA ILE B 272 -5.80 2.13 26.35
C ILE B 272 -4.50 2.76 26.86
N LEU B 273 -4.65 3.60 27.88
CA LEU B 273 -3.50 4.30 28.45
C LEU B 273 -2.48 3.29 28.96
N LEU B 274 -2.94 2.14 29.42
CA LEU B 274 -1.96 1.15 29.88
C LEU B 274 -1.28 0.47 28.68
N SER B 275 -1.96 0.44 27.55
CA SER B 275 -1.38 -0.18 26.33
C SER B 275 -0.38 0.65 25.48
N ILE B 276 -0.61 1.95 25.30
CA ILE B 276 0.16 2.70 24.29
C ILE B 276 1.70 2.75 24.46
N THR B 277 2.21 2.26 25.58
CA THR B 277 3.65 2.25 25.78
C THR B 277 4.38 1.32 24.80
N LEU B 278 3.75 0.23 24.45
CA LEU B 278 4.31 -0.75 23.53
C LEU B 278 4.44 -0.23 22.09
N PHE B 279 3.62 0.76 21.71
CA PHE B 279 3.54 1.16 20.30
C PHE B 279 4.07 2.56 19.97
N LEU B 280 4.15 3.42 20.98
CA LEU B 280 4.40 4.85 20.73
C LEU B 280 5.63 5.43 21.48
N PRO B 281 6.40 6.30 20.79
CA PRO B 281 7.41 7.18 21.42
C PRO B 281 6.74 8.12 22.46
N LYS B 282 7.45 8.62 23.47
CA LYS B 282 6.69 9.20 24.58
C LYS B 282 5.97 10.55 24.22
N ALA B 283 6.52 11.29 23.26
CA ALA B 283 5.81 12.42 22.64
C ALA B 283 4.42 12.03 22.14
N LYS B 284 4.43 11.08 21.21
CA LYS B 284 3.20 10.56 20.62
C LYS B 284 2.23 10.04 21.71
N GLN B 285 2.80 9.49 22.78
CA GLN B 285 2.00 9.01 23.89
C GLN B 285 1.26 10.17 24.56
N GLU B 286 1.98 11.23 24.89
CA GLU B 286 1.36 12.33 25.59
C GLU B 286 0.30 13.02 24.73
N PHE B 287 0.59 13.16 23.43
CA PHE B 287 -0.39 13.74 22.54
C PHE B 287 -1.67 12.90 22.44
N PHE B 288 -1.50 11.59 22.27
CA PHE B 288 -2.65 10.67 22.18
C PHE B 288 -3.47 10.74 23.48
N ALA B 289 -2.78 10.72 24.61
CA ALA B 289 -3.43 10.89 25.92
C ALA B 289 -4.20 12.21 26.01
N GLY B 290 -3.61 13.29 25.47
CA GLY B 290 -4.27 14.59 25.38
C GLY B 290 -5.58 14.54 24.60
N GLN B 291 -5.52 13.98 23.39
CA GLN B 291 -6.71 13.73 22.61
C GLN B 291 -7.79 12.98 23.41
N LEU B 292 -7.36 11.91 24.09
CA LEU B 292 -8.31 11.07 24.84
C LEU B 292 -8.97 11.88 25.97
N GLU B 293 -8.21 12.76 26.60
CA GLU B 293 -8.79 13.58 27.66
C GLU B 293 -9.78 14.60 27.07
N LYS B 294 -9.48 15.18 25.93
CA LYS B 294 -10.41 16.16 25.33
C LYS B 294 -11.73 15.47 24.94
N ILE B 295 -11.62 14.23 24.45
CA ILE B 295 -12.80 13.43 24.12
C ILE B 295 -13.65 13.15 25.35
N GLU B 296 -12.98 12.76 26.43
CA GLU B 296 -13.70 12.55 27.68
C GLU B 296 -14.42 13.83 28.12
N ASP B 297 -13.77 14.99 27.97
CA ASP B 297 -14.37 16.25 28.39
C ASP B 297 -15.65 16.48 27.61
N SER B 298 -15.56 16.29 26.30
CA SER B 298 -16.72 16.54 25.47
C SER B 298 -17.86 15.58 25.80
N LEU B 299 -17.55 14.30 25.97
CA LEU B 299 -18.57 13.31 26.34
C LEU B 299 -19.25 13.67 27.65
N LYS B 300 -18.46 13.98 28.67
CA LYS B 300 -19.01 14.32 29.97
C LYS B 300 -19.93 15.54 29.83
N GLU B 301 -19.51 16.53 29.05
CA GLU B 301 -20.31 17.75 28.95
C GLU B 301 -21.61 17.53 28.17
N ILE B 302 -21.53 16.77 27.09
CA ILE B 302 -22.71 16.43 26.31
C ILE B 302 -23.71 15.66 27.15
N LYS B 303 -23.22 14.70 27.93
CA LYS B 303 -24.13 13.80 28.64
C LYS B 303 -24.74 14.27 29.99
N GLU B 304 -24.67 15.58 30.30
CA GLU B 304 -25.30 16.05 31.53
C GLU B 304 -26.23 17.24 31.27
#